data_5T1I
#
_entry.id   5T1I
#
_cell.length_a   40.737
_cell.length_b   34.971
_cell.length_c   45.833
_cell.angle_alpha   90.000
_cell.angle_beta   93.320
_cell.angle_gamma   90.000
#
_symmetry.space_group_name_H-M   'P 1 21 1'
#
loop_
_entity.id
_entity.type
_entity.pdbx_description
1 polymer 'Chromobox protein homolog 3'
2 polymer 'Histone H3.1'
3 non-polymer 'UNKNOWN ATOM OR ION'
4 water water
#
loop_
_entity_poly.entity_id
_entity_poly.type
_entity_poly.pdbx_seq_one_letter_code
_entity_poly.pdbx_strand_id
1 'polypeptide(L)' GAADKPRGFARGLDPERIIGATDSSGELMFLMKWKDSDEADLVLAKEANMKCPQIVIAFYEERLTWHS A,B
2 'polypeptide(L)' (N7P)HRYRPGTVALREI(AAR) C
#
# COMPACT_ATOMS: atom_id res chain seq x y z
N GLY A 1 6.27 -25.67 -19.48
CA GLY A 1 5.55 -26.80 -20.08
C GLY A 1 4.07 -26.52 -20.12
N ALA A 2 3.38 -27.22 -20.99
CA ALA A 2 1.95 -27.07 -21.20
C ALA A 2 1.16 -27.22 -19.91
N ALA A 3 1.62 -28.12 -19.04
CA ALA A 3 0.87 -28.54 -17.87
C ALA A 3 1.54 -28.11 -16.56
N ASP A 4 2.23 -26.94 -16.60
CA ASP A 4 2.89 -26.38 -15.44
C ASP A 4 1.82 -26.11 -14.40
N LYS A 5 2.19 -26.27 -13.14
CA LYS A 5 1.28 -26.06 -12.02
C LYS A 5 0.78 -24.59 -12.03
N PRO A 6 -0.51 -24.36 -11.74
CA PRO A 6 -0.91 -22.95 -11.57
C PRO A 6 -0.11 -22.34 -10.45
N ARG A 7 0.26 -21.06 -10.59
CA ARG A 7 0.99 -20.36 -9.55
C ARG A 7 0.21 -19.15 -9.17
N GLY A 8 0.40 -18.73 -7.91
CA GLY A 8 -0.07 -17.48 -7.43
C GLY A 8 -1.58 -17.41 -7.59
N PHE A 9 -2.05 -16.32 -8.16
CA PHE A 9 -3.50 -16.09 -8.21
C PHE A 9 -4.21 -17.09 -9.08
N ALA A 10 -3.48 -17.62 -10.07
CA ALA A 10 -4.05 -18.64 -10.94
C ALA A 10 -4.51 -19.88 -10.17
N ARG A 11 -3.98 -20.15 -8.99
CA ARG A 11 -4.42 -21.26 -8.14
C ARG A 11 -5.87 -21.11 -7.61
N GLY A 12 -6.44 -19.92 -7.68
CA GLY A 12 -7.85 -19.73 -7.30
C GLY A 12 -8.10 -19.69 -5.82
N LEU A 13 -7.04 -19.52 -5.02
CA LEU A 13 -7.16 -19.34 -3.56
C LEU A 13 -7.29 -17.92 -3.16
N ASP A 14 -7.82 -17.75 -1.96
CA ASP A 14 -8.01 -16.46 -1.37
C ASP A 14 -6.72 -15.97 -0.74
N PRO A 15 -6.21 -14.78 -1.12
CA PRO A 15 -5.03 -14.33 -0.39
C PRO A 15 -5.28 -14.09 1.10
N GLU A 16 -4.27 -14.37 1.93
CA GLU A 16 -4.37 -14.24 3.40
C GLU A 16 -3.47 -13.10 3.87
N ARG A 17 -2.19 -13.18 3.58
CA ARG A 17 -1.27 -12.13 4.04
C ARG A 17 0.02 -12.25 3.27
N ILE A 18 0.62 -11.12 3.01
CA ILE A 18 1.96 -11.07 2.43
C ILE A 18 3.01 -11.28 3.53
N ILE A 19 3.91 -12.20 3.27
CA ILE A 19 4.88 -12.66 4.26
C ILE A 19 6.12 -11.75 4.10
N GLY A 20 6.46 -11.44 2.85
CA GLY A 20 7.68 -10.68 2.51
C GLY A 20 7.65 -10.16 1.11
N ALA A 21 8.67 -9.38 0.73
CA ALA A 21 8.77 -8.71 -0.60
C ALA A 21 10.19 -8.77 -1.10
N THR A 22 10.33 -8.81 -2.43
CA THR A 22 11.63 -8.68 -3.07
C THR A 22 11.54 -8.21 -4.51
N ASP A 23 12.53 -7.44 -4.96
CA ASP A 23 12.63 -6.92 -6.36
C ASP A 23 13.84 -7.44 -7.09
N SER A 24 14.24 -8.68 -6.77
CA SER A 24 15.39 -9.35 -7.38
C SER A 24 15.40 -9.31 -8.92
N SER A 25 14.25 -9.66 -9.51
CA SER A 25 14.11 -9.82 -10.95
C SER A 25 14.01 -8.51 -11.71
N GLY A 26 13.87 -7.41 -10.99
CA GLY A 26 13.64 -6.12 -11.58
C GLY A 26 12.18 -5.81 -11.56
N GLU A 27 11.36 -6.78 -11.12
CA GLU A 27 9.95 -6.57 -10.83
C GLU A 27 9.76 -6.79 -9.33
N LEU A 28 8.94 -5.95 -8.73
CA LEU A 28 8.61 -6.13 -7.31
C LEU A 28 7.62 -7.31 -7.17
N MET A 29 7.94 -8.25 -6.27
CA MET A 29 7.10 -9.46 -6.00
C MET A 29 6.85 -9.63 -4.49
N PHE A 30 5.72 -10.25 -4.16
CA PHE A 30 5.43 -10.58 -2.79
C PHE A 30 5.36 -12.09 -2.55
N LEU A 31 5.80 -12.54 -1.39
CA LEU A 31 5.58 -13.93 -0.99
C LEU A 31 4.23 -13.98 -0.33
N MET A 32 3.26 -14.58 -1.01
CA MET A 32 1.86 -14.56 -0.54
C MET A 32 1.50 -15.85 0.16
N LYS A 33 0.96 -15.69 1.35
CA LYS A 33 0.27 -16.77 2.05
C LYS A 33 -1.19 -16.78 1.66
N TRP A 34 -1.72 -17.97 1.34
CA TRP A 34 -3.10 -18.13 0.91
C TRP A 34 -3.89 -18.78 2.02
N LYS A 35 -5.20 -18.48 2.07
CA LYS A 35 -6.08 -19.06 3.09
C LYS A 35 -6.12 -20.57 3.02
N ASP A 36 -5.88 -21.20 4.16
CA ASP A 36 -5.91 -22.68 4.33
C ASP A 36 -4.89 -23.45 3.52
N SER A 37 -3.86 -22.74 3.09
CA SER A 37 -2.74 -23.34 2.40
C SER A 37 -1.52 -23.15 3.28
N ASP A 38 -0.66 -24.16 3.27
CA ASP A 38 0.67 -24.09 3.87
C ASP A 38 1.72 -23.79 2.82
N GLU A 39 1.30 -23.46 1.60
CA GLU A 39 2.18 -23.43 0.42
C GLU A 39 2.14 -21.98 -0.10
N ALA A 40 3.01 -21.15 0.44
CA ALA A 40 3.09 -19.76 -0.01
C ALA A 40 3.73 -19.70 -1.37
N ASP A 41 3.45 -18.67 -2.15
CA ASP A 41 4.22 -18.46 -3.36
C ASP A 41 4.29 -17.01 -3.84
N LEU A 42 5.18 -16.77 -4.83
CA LEU A 42 5.53 -15.40 -5.25
C LEU A 42 4.52 -14.93 -6.26
N VAL A 43 4.00 -13.73 -6.05
CA VAL A 43 3.16 -13.05 -7.02
C VAL A 43 3.73 -11.68 -7.36
N LEU A 44 3.46 -11.21 -8.56
CA LEU A 44 3.80 -9.84 -8.92
C LEU A 44 3.06 -8.85 -8.03
N ALA A 45 3.77 -7.81 -7.57
CA ALA A 45 3.08 -6.72 -6.86
C ALA A 45 2.02 -6.06 -7.71
N LYS A 46 2.27 -5.77 -8.97
CA LYS A 46 1.18 -5.14 -9.75
C LYS A 46 -0.12 -5.97 -9.75
N GLU A 47 -0.02 -7.29 -9.65
CA GLU A 47 -1.18 -8.19 -9.68
C GLU A 47 -1.85 -8.17 -8.33
N ALA A 48 -1.07 -8.22 -7.26
CA ALA A 48 -1.58 -8.14 -5.89
C ALA A 48 -2.23 -6.78 -5.61
N ASN A 49 -1.59 -5.76 -6.15
CA ASN A 49 -2.13 -4.41 -6.02
C ASN A 49 -3.57 -4.33 -6.53
N MET A 50 -3.87 -5.03 -7.61
CA MET A 50 -5.24 -4.92 -8.17
CA MET A 50 -5.20 -5.00 -8.25
C MET A 50 -6.19 -5.90 -7.52
N LYS A 51 -5.73 -7.11 -7.24
CA LYS A 51 -6.62 -8.23 -6.81
C LYS A 51 -6.88 -8.27 -5.34
N CYS A 52 -5.93 -7.74 -4.57
CA CYS A 52 -6.12 -7.65 -3.11
C CYS A 52 -5.47 -6.43 -2.53
N PRO A 53 -6.01 -5.25 -2.89
CA PRO A 53 -5.31 -4.05 -2.51
C PRO A 53 -5.19 -3.91 -1.00
N GLN A 54 -6.19 -4.38 -0.24
CA GLN A 54 -6.13 -4.22 1.22
C GLN A 54 -5.10 -5.09 1.88
N ILE A 55 -4.84 -6.24 1.27
CA ILE A 55 -3.69 -7.07 1.71
C ILE A 55 -2.31 -6.43 1.49
N VAL A 56 -2.15 -5.76 0.35
CA VAL A 56 -0.89 -5.04 0.03
C VAL A 56 -0.77 -3.87 1.03
N ILE A 57 -1.87 -3.14 1.21
CA ILE A 57 -1.79 -2.02 2.17
C ILE A 57 -1.42 -2.50 3.58
N ALA A 58 -1.99 -3.63 4.00
CA ALA A 58 -1.75 -4.12 5.36
C ALA A 58 -0.26 -4.47 5.50
N PHE A 59 0.30 -5.08 4.48
CA PHE A 59 1.74 -5.33 4.44
C PHE A 59 2.57 -4.05 4.69
N TYR A 60 2.31 -3.02 3.89
CA TYR A 60 3.06 -1.78 4.03
C TYR A 60 2.83 -1.09 5.36
N GLU A 61 1.58 -1.11 5.82
CA GLU A 61 1.26 -0.51 7.14
C GLU A 61 2.03 -1.14 8.30
N GLU A 62 2.28 -2.45 8.22
CA GLU A 62 3.04 -3.22 9.21
C GLU A 62 4.52 -2.81 9.20
N ARG A 63 4.94 -2.06 8.19
CA ARG A 63 6.39 -1.81 7.99
C ARG A 63 6.64 -0.35 7.78
N LEU A 64 5.82 0.51 8.41
CA LEU A 64 6.07 1.95 8.39
C LEU A 64 7.17 2.27 9.34
N THR A 65 8.14 3.04 8.88
CA THR A 65 9.21 3.54 9.74
C THR A 65 9.24 5.04 9.56
N TRP A 66 9.44 5.71 10.67
CA TRP A 66 9.54 7.16 10.70
C TRP A 66 11.00 7.56 10.80
N HIS A 67 11.56 8.06 9.70
CA HIS A 67 12.97 8.50 9.70
C HIS A 67 13.20 9.82 10.43
N SER A 68 12.17 10.66 10.42
CA SER A 68 12.17 11.96 11.05
C SER A 68 10.80 12.21 11.59
N GLY B 1 -12.89 23.85 12.72
CA GLY B 1 -14.05 24.34 13.50
C GLY B 1 -15.27 23.97 12.68
N ALA B 2 -16.47 24.16 13.21
CA ALA B 2 -17.66 23.66 12.53
C ALA B 2 -17.78 24.12 11.05
N ALA B 3 -17.29 25.32 10.73
CA ALA B 3 -17.48 25.92 9.39
C ALA B 3 -16.35 25.60 8.42
N ASP B 4 -15.35 24.83 8.87
CA ASP B 4 -14.26 24.37 8.00
C ASP B 4 -14.69 23.12 7.24
N LYS B 5 -15.73 23.26 6.45
CA LYS B 5 -16.23 22.19 5.60
C LYS B 5 -16.54 22.81 4.26
N PRO B 6 -16.38 22.07 3.17
CA PRO B 6 -15.87 20.72 3.12
C PRO B 6 -14.34 20.66 3.14
N ARG B 7 -13.79 19.59 3.70
CA ARG B 7 -12.36 19.38 3.78
C ARG B 7 -12.05 17.98 3.29
N GLY B 8 -10.82 17.75 2.81
CA GLY B 8 -10.41 16.41 2.46
C GLY B 8 -11.22 15.79 1.34
N PHE B 9 -11.68 14.59 1.58
CA PHE B 9 -12.43 13.87 0.56
C PHE B 9 -13.78 14.51 0.29
N ALA B 10 -14.31 15.22 1.29
CA ALA B 10 -15.57 15.96 1.11
C ALA B 10 -15.53 17.06 0.05
N ARG B 11 -14.35 17.51 -0.34
CA ARG B 11 -14.23 18.47 -1.45
C ARG B 11 -14.60 17.83 -2.81
N GLY B 12 -14.76 16.54 -2.85
CA GLY B 12 -15.19 15.90 -4.09
C GLY B 12 -14.12 15.77 -5.17
N LEU B 13 -12.86 16.02 -4.82
CA LEU B 13 -11.83 16.00 -5.85
C LEU B 13 -11.27 14.65 -6.07
N ASP B 14 -10.62 14.49 -7.21
CA ASP B 14 -9.96 13.25 -7.52
C ASP B 14 -8.56 13.21 -6.87
N PRO B 15 -8.27 12.20 -6.07
CA PRO B 15 -6.91 12.09 -5.50
C PRO B 15 -5.83 11.89 -6.57
N GLU B 16 -4.76 12.69 -6.47
CA GLU B 16 -3.70 12.59 -7.46
C GLU B 16 -2.53 11.80 -6.89
N ARG B 17 -2.02 12.26 -5.73
CA ARG B 17 -0.89 11.62 -5.09
C ARG B 17 -0.82 12.01 -3.59
N ILE B 18 -0.38 11.10 -2.76
CA ILE B 18 -0.07 11.39 -1.37
C ILE B 18 1.31 11.92 -1.37
N ILE B 19 1.49 13.01 -0.67
CA ILE B 19 2.77 13.72 -0.66
C ILE B 19 3.43 13.79 0.72
N GLY B 20 2.79 13.25 1.73
CA GLY B 20 3.32 13.34 3.10
C GLY B 20 2.45 12.51 4.01
N ALA B 21 2.85 12.43 5.27
CA ALA B 21 2.16 11.61 6.28
C ALA B 21 2.48 12.15 7.66
N THR B 22 1.55 11.91 8.58
CA THR B 22 1.69 12.32 9.95
C THR B 22 0.94 11.35 10.85
N ASP B 23 1.45 11.18 12.05
CA ASP B 23 0.82 10.38 13.11
C ASP B 23 0.59 11.20 14.40
N SER B 24 0.61 12.53 14.35
CA SER B 24 0.68 13.31 15.60
C SER B 24 -0.57 13.16 16.49
N SER B 25 -1.70 12.76 15.89
CA SER B 25 -2.98 12.65 16.61
C SER B 25 -3.27 11.25 17.17
N GLY B 26 -2.46 10.24 16.77
CA GLY B 26 -2.67 8.81 17.12
C GLY B 26 -3.13 7.91 15.96
N GLU B 27 -3.77 8.53 14.99
CA GLU B 27 -4.30 7.87 13.81
C GLU B 27 -3.45 8.38 12.66
N LEU B 28 -3.11 7.49 11.76
CA LEU B 28 -2.26 7.83 10.61
C LEU B 28 -3.06 8.67 9.66
N MET B 29 -2.45 9.76 9.20
CA MET B 29 -3.02 10.60 8.16
C MET B 29 -2.07 10.85 7.02
N PHE B 30 -2.63 11.08 5.84
CA PHE B 30 -1.91 11.37 4.63
C PHE B 30 -2.19 12.80 4.23
N LEU B 31 -1.16 13.47 3.73
CA LEU B 31 -1.30 14.75 3.07
C LEU B 31 -1.58 14.45 1.61
N MET B 32 -2.81 14.73 1.17
CA MET B 32 -3.28 14.34 -0.18
C MET B 32 -3.20 15.50 -1.14
N LYS B 33 -2.54 15.31 -2.29
CA LYS B 33 -2.63 16.26 -3.40
C LYS B 33 -3.78 15.81 -4.32
N TRP B 34 -4.72 16.73 -4.61
CA TRP B 34 -5.86 16.47 -5.44
C TRP B 34 -5.57 16.98 -6.85
N LYS B 35 -6.11 16.26 -7.86
CA LYS B 35 -5.91 16.58 -9.26
C LYS B 35 -6.45 18.01 -9.48
N ASP B 36 -5.65 18.87 -10.11
CA ASP B 36 -6.05 20.25 -10.51
C ASP B 36 -6.18 21.30 -9.34
N SER B 37 -5.74 20.97 -8.12
CA SER B 37 -5.87 21.86 -6.95
C SER B 37 -4.54 22.07 -6.29
N ASP B 38 -4.23 23.32 -5.97
CA ASP B 38 -2.95 23.66 -5.34
C ASP B 38 -2.87 23.23 -3.89
N GLU B 39 -4.01 23.34 -3.17
CA GLU B 39 -4.12 23.02 -1.75
C GLU B 39 -4.24 21.52 -1.43
N ALA B 40 -3.23 20.97 -0.77
CA ALA B 40 -3.24 19.63 -0.27
C ALA B 40 -3.93 19.64 1.10
N ASP B 41 -4.55 18.50 1.44
N ASP B 41 -4.58 18.58 1.53
CA ASP B 41 -5.35 18.33 2.67
CA ASP B 41 -5.03 18.61 2.91
C ASP B 41 -4.89 17.16 3.47
C ASP B 41 -5.00 17.21 3.47
N LEU B 42 -5.14 17.16 4.78
CA LEU B 42 -4.99 15.93 5.55
C LEU B 42 -6.22 15.07 5.54
N VAL B 43 -6.03 13.79 5.26
CA VAL B 43 -7.10 12.77 5.23
C VAL B 43 -6.64 11.57 6.06
N LEU B 44 -7.59 10.91 6.70
CA LEU B 44 -7.29 9.71 7.46
C LEU B 44 -6.83 8.61 6.53
N ALA B 45 -5.79 7.90 6.95
CA ALA B 45 -5.31 6.84 6.15
C ALA B 45 -6.43 5.77 5.99
N LYS B 46 -7.18 5.54 7.04
CA LYS B 46 -8.27 4.54 6.97
C LYS B 46 -9.26 4.91 5.91
N GLU B 47 -9.48 6.19 5.69
CA GLU B 47 -10.44 6.65 4.64
CA GLU B 47 -10.43 6.62 4.65
C GLU B 47 -9.81 6.49 3.24
N ALA B 48 -8.55 6.86 3.09
CA ALA B 48 -7.83 6.70 1.83
C ALA B 48 -7.72 5.23 1.41
N ASN B 49 -7.53 4.34 2.38
CA ASN B 49 -7.45 2.92 2.07
C ASN B 49 -8.75 2.44 1.38
N MET B 50 -9.85 3.01 1.83
CA MET B 50 -11.21 2.69 1.31
CA MET B 50 -11.18 2.67 1.30
C MET B 50 -11.45 3.38 -0.03
N LYS B 51 -11.13 4.66 -0.10
CA LYS B 51 -11.51 5.53 -1.24
C LYS B 51 -10.53 5.52 -2.41
N CYS B 52 -9.25 5.37 -2.12
CA CYS B 52 -8.24 5.37 -3.18
C CYS B 52 -7.07 4.47 -2.88
N PRO B 53 -7.33 3.21 -2.76
CA PRO B 53 -6.26 2.30 -2.37
C PRO B 53 -5.03 2.32 -3.27
N GLN B 54 -5.24 2.51 -4.58
CA GLN B 54 -4.11 2.51 -5.46
C GLN B 54 -3.19 3.70 -5.24
N ILE B 55 -3.77 4.80 -4.85
CA ILE B 55 -3.00 6.00 -4.49
C ILE B 55 -2.20 5.72 -3.24
N VAL B 56 -2.79 5.02 -2.28
CA VAL B 56 -2.09 4.66 -1.05
C VAL B 56 -0.93 3.74 -1.40
N ILE B 57 -1.20 2.76 -2.25
CA ILE B 57 -0.17 1.81 -2.64
C ILE B 57 1.01 2.48 -3.34
N ALA B 58 0.67 3.44 -4.20
CA ALA B 58 1.70 4.11 -4.98
C ALA B 58 2.63 4.91 -4.04
N PHE B 59 2.04 5.51 -3.04
CA PHE B 59 2.80 6.26 -2.02
C PHE B 59 3.79 5.35 -1.29
N TYR B 60 3.30 4.19 -0.86
CA TYR B 60 4.12 3.27 -0.11
C TYR B 60 5.20 2.64 -0.99
N GLU B 61 4.80 2.34 -2.21
CA GLU B 61 5.76 1.80 -3.17
C GLU B 61 6.92 2.73 -3.40
N GLU B 62 6.65 4.02 -3.47
CA GLU B 62 7.69 4.99 -3.75
C GLU B 62 8.63 5.09 -2.56
N ARG B 63 8.12 4.80 -1.34
CA ARG B 63 8.95 4.93 -0.14
CA ARG B 63 8.86 4.95 -0.08
C ARG B 63 9.52 3.63 0.42
N LEU B 64 9.21 2.51 -0.20
CA LEU B 64 9.79 1.25 0.11
C LEU B 64 11.31 1.33 -0.07
N THR B 65 12.03 0.92 0.97
CA THR B 65 13.47 1.05 1.07
C THR B 65 14.03 -0.26 1.59
N TRP B 66 15.05 -0.82 0.95
CA TRP B 66 15.69 -2.02 1.42
C TRP B 66 16.83 -1.65 2.36
N HIS B 67 17.08 -2.53 3.30
CA HIS B 67 18.12 -2.31 4.31
C HIS B 67 19.12 -3.43 4.32
N SER B 68 20.32 -3.08 4.76
CA SER B 68 21.39 -3.97 4.89
C SER B 68 22.04 -3.56 6.22
N HIS C 2 12.34 -18.94 -1.57
CA HIS C 2 11.41 -18.09 -0.89
C HIS C 2 12.08 -17.14 0.06
N ARG C 3 13.35 -16.82 -0.20
CA ARG C 3 13.98 -15.69 0.49
CA ARG C 3 13.99 -15.69 0.47
C ARG C 3 13.22 -14.38 0.22
N TYR C 4 13.27 -13.47 1.19
CA TYR C 4 12.74 -12.12 0.98
C TYR C 4 13.61 -11.17 1.75
N ARG C 5 13.52 -9.88 1.42
CA ARG C 5 14.48 -8.96 1.95
C ARG C 5 13.91 -8.06 3.08
N PRO C 6 14.81 -7.35 3.83
CA PRO C 6 14.38 -6.37 4.83
C PRO C 6 14.05 -5.03 4.21
N GLY C 7 12.79 -4.70 4.27
CA GLY C 7 12.31 -3.53 3.61
C GLY C 7 11.31 -2.81 4.47
N THR C 8 11.43 -1.49 4.51
CA THR C 8 10.40 -0.67 5.18
C THR C 8 9.92 0.48 4.35
N VAL C 9 8.79 1.06 4.78
CA VAL C 9 8.25 2.22 4.13
C VAL C 9 8.79 3.41 4.86
N ALA C 10 9.69 4.19 4.25
CA ALA C 10 10.41 5.24 4.94
C ALA C 10 9.64 6.57 4.90
N LEU C 11 8.97 6.87 5.98
CA LEU C 11 8.21 8.12 6.12
C LEU C 11 8.92 9.17 6.98
N ARG C 12 8.42 10.39 6.88
CA ARG C 12 9.02 11.54 7.53
C ARG C 12 7.86 12.21 8.17
N GLU C 13 7.82 12.30 9.47
CA GLU C 13 6.72 12.98 10.18
C GLU C 13 6.66 14.47 9.78
N ILE C 14 5.49 14.96 9.43
CA ILE C 14 5.35 16.36 9.05
C ILE C 14 5.50 17.22 10.28
#